data_7SZU
#
_entry.id   7SZU
#
_cell.length_a   61.609
_cell.length_b   96.992
_cell.length_c   148.255
_cell.angle_alpha   90.000
_cell.angle_beta   90.000
_cell.angle_gamma   90.000
#
_symmetry.space_group_name_H-M   'P 21 21 21'
#
loop_
_entity.id
_entity.type
_entity.pdbx_description
1 polymer 'RNA aptamer'
2 polymer 'BL3-6 Fab heavy chain'
3 polymer 'BL3-6 Fab light chain'
4 non-polymer 'MAGNESIUM ION'
5 non-polymer 4-[(~{Z})-1-cyano-2-[4-[2-hydroxyethyl(methyl)amino]phenyl]ethenyl]benzenecarbonitrile
6 non-polymer 'SODIUM ION'
7 water water
#
loop_
_entity_poly.entity_id
_entity_poly.type
_entity_poly.pdbx_seq_one_letter_code
_entity_poly.pdbx_strand_id
1 'polyribonucleotide' (GTP)GUACCUACCAAUCGUAGCGUGUCGACCAGCUGCGAAACACGCAGCUGGCACUGGCGCUGUAGGUAC R
2 'polypeptide(L)'
;EVQLVESGGGLVQPGGSLRLSCAASGFYISYSSIHWVRQAPGKGLEWVASISPYSGSTYYADSVKGRFTISADTSKNTAY
LQMNSLRAEDTAVYYCARQGYRRRSGRGFDYWGQGTLVTVSSASTKGPSVFPLAPSSKSTSGGTAALGCLVKDYFPEPVT
VSWNSGALTSGVHTFPAVLQSSGLYSLSSVVTVPSSSLGTQTYICNVNHKPSNTKVDKKVEPKS
;
H
3 'polypeptide(L)'
;DIQMTQSPSSLSASVGDRVTITCRASQSVSSAVAWYQQKPGKAPKLLIYSASSLYSGVPSRFSGSRSGTDFTLTISSLQP
EDFATYYCQQSYSFPSTFGQGTKVEIKRTVAAPSVFIFPPSDEQLKSGTASVVCLLNNFYPREAKVQWKVDNALQSGNSQ
ESVTEQDSKDSTYSLSSTLTLSKADYEKHKVYACEVTHQGLSSPVTKSFNRGE
;
L
#
# COMPACT_ATOMS: atom_id res chain seq x y z
N GLU B 1 -10.76 5.58 26.32
CA GLU B 1 -10.71 6.14 24.98
C GLU B 1 -9.25 6.46 24.60
N VAL B 2 -8.47 5.42 24.37
CA VAL B 2 -7.04 5.57 24.11
C VAL B 2 -6.83 5.92 22.64
N GLN B 3 -5.85 6.77 22.38
CA GLN B 3 -5.56 7.19 21.02
C GLN B 3 -4.13 7.70 20.93
N LEU B 4 -3.47 7.39 19.82
CA LEU B 4 -2.12 7.86 19.54
C LEU B 4 -2.12 8.52 18.17
N VAL B 5 -1.50 9.71 18.09
CA VAL B 5 -1.52 10.51 16.87
C VAL B 5 -0.08 10.91 16.56
N GLU B 6 0.47 10.40 15.45
CA GLU B 6 1.82 10.75 15.04
C GLU B 6 1.81 12.05 14.24
N SER B 7 2.99 12.66 14.13
CA SER B 7 3.16 13.87 13.35
C SER B 7 4.66 14.11 13.17
N GLY B 8 4.97 14.95 12.18
CA GLY B 8 6.33 15.36 11.92
C GLY B 8 6.96 14.75 10.68
N GLY B 9 6.30 13.78 10.05
CA GLY B 9 6.86 13.15 8.86
C GLY B 9 7.06 14.15 7.73
N GLY B 10 7.79 13.70 6.72
CA GLY B 10 8.07 14.54 5.58
C GLY B 10 9.29 14.04 4.82
N LEU B 11 9.79 14.91 3.94
CA LEU B 11 10.90 14.60 3.05
C LEU B 11 12.17 15.25 3.58
N VAL B 12 13.26 14.49 3.60
CA VAL B 12 14.56 14.99 3.99
C VAL B 12 15.63 14.32 3.12
N GLN B 13 16.81 14.94 3.10
CA GLN B 13 17.91 14.44 2.30
C GLN B 13 18.78 13.49 3.10
N PRO B 14 19.49 12.58 2.44
CA PRO B 14 20.44 11.72 3.16
C PRO B 14 21.40 12.55 4.01
N GLY B 15 21.68 12.06 5.22
CA GLY B 15 22.45 12.80 6.18
C GLY B 15 21.67 13.83 6.96
N GLY B 16 20.42 14.10 6.58
CA GLY B 16 19.59 15.04 7.28
C GLY B 16 19.03 14.45 8.58
N SER B 17 18.16 15.23 9.21
CA SER B 17 17.58 14.85 10.49
C SER B 17 16.12 15.27 10.54
N LEU B 18 15.38 14.66 11.46
CA LEU B 18 13.95 14.92 11.58
C LEU B 18 13.45 14.36 12.91
N ARG B 19 12.53 15.07 13.55
CA ARG B 19 11.98 14.66 14.83
C ARG B 19 10.48 14.40 14.69
N LEU B 20 10.08 13.16 14.96
CA LEU B 20 8.67 12.77 14.94
C LEU B 20 8.09 12.84 16.35
N SER B 21 6.83 13.25 16.43
CA SER B 21 6.11 13.32 17.70
C SER B 21 4.93 12.35 17.68
N CYS B 22 4.54 11.90 18.86
CA CYS B 22 3.41 10.98 19.04
C CYS B 22 2.64 11.46 20.25
N ALA B 23 1.50 12.09 20.01
CA ALA B 23 0.66 12.63 21.07
C ALA B 23 -0.37 11.60 21.48
N ALA B 24 -0.43 11.30 22.77
CA ALA B 24 -1.33 10.30 23.33
C ALA B 24 -2.49 10.98 24.05
N SER B 25 -3.65 10.36 23.96
CA SER B 25 -4.86 10.85 24.62
C SER B 25 -5.60 9.67 25.21
N GLY B 26 -6.28 9.91 26.34
CA GLY B 26 -7.00 8.87 27.04
C GLY B 26 -6.17 8.09 28.04
N PHE B 27 -4.89 8.40 28.19
CA PHE B 27 -4.04 7.71 29.15
C PHE B 27 -2.74 8.50 29.27
N TYR B 28 -1.98 8.19 30.32
CA TYR B 28 -0.72 8.86 30.60
C TYR B 28 0.44 7.98 30.11
N ILE B 29 1.28 8.53 29.24
CA ILE B 29 2.35 7.74 28.66
C ILE B 29 3.39 7.32 29.69
N SER B 30 3.49 8.04 30.81
CA SER B 30 4.53 7.73 31.79
C SER B 30 4.30 6.39 32.49
N TYR B 31 3.13 5.78 32.31
CA TYR B 31 2.82 4.51 32.97
C TYR B 31 2.81 3.34 32.00
N SER B 32 3.27 3.55 30.76
CA SER B 32 3.34 2.48 29.77
C SER B 32 4.68 2.58 29.04
N SER B 33 5.11 1.46 28.48
CA SER B 33 6.23 1.47 27.54
C SER B 33 5.74 1.96 26.18
N ILE B 34 6.53 2.80 25.54
CA ILE B 34 6.18 3.38 24.25
C ILE B 34 7.17 2.90 23.22
N HIS B 35 6.67 2.45 22.07
CA HIS B 35 7.49 1.88 21.01
C HIS B 35 7.31 2.67 19.72
N TRP B 36 8.36 2.68 18.91
CA TRP B 36 8.34 3.16 17.53
C TRP B 36 8.63 1.96 16.64
N VAL B 37 7.76 1.73 15.66
CA VAL B 37 7.86 0.61 14.73
C VAL B 37 7.65 1.15 13.33
N ARG B 38 8.52 0.77 12.40
CA ARG B 38 8.43 1.31 11.05
C ARG B 38 8.10 0.22 10.04
N GLN B 39 7.57 0.66 8.90
CA GLN B 39 7.16 -0.24 7.82
C GLN B 39 7.50 0.44 6.50
N ALA B 40 8.45 -0.11 5.77
CA ALA B 40 8.79 0.42 4.47
C ALA B 40 7.70 0.06 3.46
N PRO B 41 7.57 0.84 2.39
CA PRO B 41 6.49 0.58 1.42
C PRO B 41 6.50 -0.86 0.93
N GLY B 42 5.40 -1.57 1.16
CA GLY B 42 5.29 -2.95 0.70
C GLY B 42 6.16 -3.95 1.43
N LYS B 43 6.68 -3.59 2.60
CA LYS B 43 7.54 -4.47 3.38
C LYS B 43 6.92 -4.71 4.76
N GLY B 44 7.58 -5.56 5.54
CA GLY B 44 7.08 -5.93 6.84
C GLY B 44 7.40 -4.90 7.91
N LEU B 45 6.82 -5.11 9.09
CA LEU B 45 7.08 -4.24 10.22
C LEU B 45 8.49 -4.46 10.73
N GLU B 46 9.10 -3.39 11.22
CA GLU B 46 10.43 -3.44 11.82
C GLU B 46 10.41 -2.63 13.11
N TRP B 47 10.62 -3.31 14.23
CA TRP B 47 10.75 -2.60 15.51
C TRP B 47 11.93 -1.63 15.43
N VAL B 48 11.67 -0.38 15.79
CA VAL B 48 12.69 0.67 15.68
C VAL B 48 13.27 0.97 17.05
N ALA B 49 12.42 1.31 18.01
CA ALA B 49 12.93 1.69 19.33
C ALA B 49 11.82 1.62 20.37
N SER B 50 12.21 1.78 21.62
CA SER B 50 11.25 1.75 22.71
C SER B 50 11.83 2.44 23.94
N ILE B 51 10.92 2.86 24.82
CA ILE B 51 11.28 3.52 26.07
C ILE B 51 10.36 3.01 27.17
N SER B 52 10.95 2.60 28.31
CA SER B 52 10.26 2.01 29.44
C SER B 52 9.82 3.08 30.42
N PRO B 53 8.77 2.82 31.20
CA PRO B 53 8.29 3.80 32.16
C PRO B 53 9.11 3.77 33.45
N TYR B 54 9.00 4.85 34.22
CA TYR B 54 9.65 5.00 35.53
C TYR B 54 11.17 5.10 35.42
N SER B 55 11.79 4.17 34.68
CA SER B 55 13.23 4.23 34.51
C SER B 55 13.63 5.20 33.40
N GLY B 56 12.82 5.31 32.36
CA GLY B 56 13.24 6.01 31.17
C GLY B 56 14.24 5.28 30.32
N SER B 57 14.55 4.03 30.67
CA SER B 57 15.50 3.24 29.88
C SER B 57 15.03 3.14 28.43
N THR B 58 15.98 3.22 27.51
CA THR B 58 15.69 3.23 26.08
C THR B 58 16.39 2.05 25.41
N TYR B 59 15.77 1.55 24.34
CA TYR B 59 16.32 0.46 23.55
C TYR B 59 16.10 0.76 22.09
N TYR B 60 17.04 0.32 21.25
CA TYR B 60 17.04 0.63 19.84
C TYR B 60 17.43 -0.61 19.04
N ALA B 61 17.00 -0.64 17.79
CA ALA B 61 17.39 -1.70 16.88
C ALA B 61 18.81 -1.48 16.38
N ASP B 62 19.44 -2.56 15.91
CA ASP B 62 20.81 -2.48 15.45
C ASP B 62 20.96 -1.48 14.31
N SER B 63 19.97 -1.41 13.42
CA SER B 63 20.07 -0.58 12.23
C SER B 63 19.83 0.90 12.50
N VAL B 64 19.56 1.29 13.74
CA VAL B 64 19.33 2.69 14.08
C VAL B 64 20.13 3.09 15.31
N LYS B 65 20.80 2.11 15.93
CA LYS B 65 21.59 2.39 17.12
C LYS B 65 22.64 3.45 16.82
N GLY B 66 22.66 4.50 17.63
CA GLY B 66 23.59 5.59 17.47
C GLY B 66 23.10 6.73 16.60
N ARG B 67 22.05 6.51 15.81
CA ARG B 67 21.48 7.54 14.95
C ARG B 67 20.15 8.07 15.43
N PHE B 68 19.33 7.23 16.07
CA PHE B 68 18.02 7.63 16.55
C PHE B 68 18.03 7.75 18.07
N THR B 69 17.18 8.62 18.59
CA THR B 69 17.01 8.80 20.02
C THR B 69 15.52 8.92 20.34
N ILE B 70 15.03 8.04 21.20
CA ILE B 70 13.65 8.07 21.66
C ILE B 70 13.59 8.80 22.98
N SER B 71 12.55 9.63 23.16
CA SER B 71 12.38 10.38 24.39
C SER B 71 10.88 10.59 24.62
N ALA B 72 10.55 11.21 25.75
CA ALA B 72 9.16 11.43 26.09
C ALA B 72 9.05 12.54 27.11
N ASP B 73 8.02 13.38 26.96
CA ASP B 73 7.69 14.42 27.92
C ASP B 73 6.29 14.16 28.46
N THR B 74 6.17 14.17 29.80
CA THR B 74 4.91 13.94 30.48
C THR B 74 4.12 15.23 30.66
N SER B 75 4.80 16.34 31.01
CA SER B 75 4.15 17.64 31.09
C SER B 75 3.83 18.12 29.68
N LYS B 76 3.03 17.33 28.95
CA LYS B 76 2.84 17.41 27.51
C LYS B 76 2.81 15.97 27.00
N ASN B 77 1.76 15.24 27.38
CA ASN B 77 1.67 13.79 27.20
C ASN B 77 2.10 13.31 25.81
N THR B 78 3.40 13.38 25.51
CA THR B 78 3.87 13.11 24.17
C THR B 78 5.19 12.35 24.19
N ALA B 79 5.42 11.56 23.14
CA ALA B 79 6.67 10.86 22.92
C ALA B 79 7.31 11.38 21.64
N TYR B 80 8.62 11.15 21.51
CA TYR B 80 9.37 11.71 20.40
C TYR B 80 10.41 10.71 19.92
N LEU B 81 10.69 10.76 18.62
CA LEU B 81 11.77 10.01 17.99
C LEU B 81 12.58 10.97 17.13
N GLN B 82 13.80 11.28 17.56
CA GLN B 82 14.72 12.09 16.79
C GLN B 82 15.57 11.17 15.92
N MET B 83 15.70 11.50 14.64
CA MET B 83 16.43 10.70 13.67
C MET B 83 17.50 11.55 13.03
N ASN B 84 18.76 11.16 13.22
CA ASN B 84 19.91 11.86 12.66
C ASN B 84 20.62 10.92 11.69
N SER B 85 21.44 11.52 10.82
CA SER B 85 22.21 10.77 9.82
C SER B 85 21.30 9.83 9.04
N LEU B 86 20.19 10.37 8.55
CA LEU B 86 19.19 9.56 7.89
C LEU B 86 19.73 9.00 6.58
N ARG B 87 19.40 7.74 6.30
CA ARG B 87 19.79 7.05 5.08
C ARG B 87 18.55 6.76 4.24
N ALA B 88 18.80 6.38 2.98
CA ALA B 88 17.70 6.06 2.09
C ALA B 88 16.86 4.89 2.62
N GLU B 89 17.52 3.93 3.28
CA GLU B 89 16.82 2.75 3.79
C GLU B 89 15.97 3.03 5.02
N ASP B 90 15.95 4.28 5.51
CA ASP B 90 15.07 4.66 6.61
C ASP B 90 13.71 5.15 6.14
N THR B 91 13.51 5.29 4.82
CA THR B 91 12.21 5.69 4.30
C THR B 91 11.17 4.66 4.69
N ALA B 92 10.05 5.13 5.27
CA ALA B 92 9.01 4.22 5.73
C ALA B 92 7.92 5.01 6.44
N VAL B 93 6.81 4.33 6.71
CA VAL B 93 5.77 4.84 7.60
C VAL B 93 6.17 4.46 9.02
N TYR B 94 6.17 5.44 9.91
CA TYR B 94 6.55 5.24 11.31
C TYR B 94 5.30 5.28 12.18
N TYR B 95 5.11 4.22 12.96
CA TYR B 95 3.98 4.07 13.87
C TYR B 95 4.47 4.23 15.30
N CYS B 96 3.69 4.96 16.08
CA CYS B 96 3.79 4.99 17.54
C CYS B 96 2.89 3.90 18.10
N ALA B 97 3.38 3.18 19.12
CA ALA B 97 2.62 2.07 19.68
C ALA B 97 2.75 2.03 21.20
N ARG B 98 1.67 1.67 21.86
CA ARG B 98 1.66 1.52 23.31
C ARG B 98 1.72 0.05 23.66
N GLN B 99 2.69 -0.32 24.49
CA GLN B 99 2.69 -1.63 25.11
C GLN B 99 1.56 -1.68 26.12
N GLY B 100 0.77 -2.75 26.08
CA GLY B 100 -0.35 -2.90 26.98
C GLY B 100 0.10 -3.12 28.41
N TYR B 101 -0.88 -3.22 29.30
CA TYR B 101 -0.61 -3.39 30.72
C TYR B 101 -0.17 -4.82 31.01
N ARG B 102 0.85 -4.95 31.85
CA ARG B 102 1.48 -6.24 32.10
C ARG B 102 0.46 -7.32 32.43
N ARG B 103 -0.54 -7.00 33.26
CA ARG B 103 -1.47 -7.99 33.76
C ARG B 103 -2.72 -8.14 32.89
N ARG B 104 -2.77 -7.48 31.73
CA ARG B 104 -3.94 -7.52 30.86
C ARG B 104 -3.65 -8.06 29.47
N SER B 105 -2.56 -7.63 28.84
CA SER B 105 -2.25 -8.07 27.48
C SER B 105 -0.78 -8.42 27.32
N GLY B 106 -0.13 -8.84 28.40
CA GLY B 106 1.27 -9.22 28.31
C GLY B 106 2.12 -8.07 27.81
N ARG B 107 2.95 -8.35 26.81
CA ARG B 107 3.81 -7.34 26.19
C ARG B 107 3.32 -6.96 24.79
N GLY B 108 2.05 -7.25 24.48
CA GLY B 108 1.52 -6.89 23.18
C GLY B 108 1.26 -5.41 23.05
N PHE B 109 1.35 -4.92 21.82
CA PHE B 109 1.08 -3.51 21.51
C PHE B 109 -0.42 -3.39 21.22
N ASP B 110 -1.18 -2.89 22.20
CA ASP B 110 -2.63 -2.89 22.11
C ASP B 110 -3.19 -1.65 21.40
N TYR B 111 -2.42 -0.57 21.30
CA TYR B 111 -2.90 0.64 20.65
C TYR B 111 -1.82 1.22 19.75
N TRP B 112 -2.18 1.52 18.50
CA TRP B 112 -1.26 2.03 17.52
C TRP B 112 -1.77 3.35 16.96
N GLY B 113 -0.84 4.19 16.51
CA GLY B 113 -1.19 5.39 15.79
C GLY B 113 -1.46 5.11 14.32
N GLN B 114 -1.91 6.14 13.61
CA GLN B 114 -2.19 5.98 12.19
C GLN B 114 -0.91 5.93 11.35
N GLY B 115 0.21 6.38 11.88
CA GLY B 115 1.48 6.35 11.16
C GLY B 115 1.74 7.65 10.43
N THR B 116 3.04 7.93 10.23
CA THR B 116 3.45 9.12 9.49
C THR B 116 4.57 8.76 8.53
N LEU B 117 4.52 9.32 7.33
CA LEU B 117 5.44 8.96 6.27
C LEU B 117 6.73 9.77 6.36
N VAL B 118 7.87 9.09 6.30
CA VAL B 118 9.18 9.71 6.26
C VAL B 118 9.88 9.24 4.99
N THR B 119 10.24 10.19 4.13
CA THR B 119 10.95 9.90 2.89
C THR B 119 12.34 10.51 2.96
N VAL B 120 13.36 9.72 2.63
CA VAL B 120 14.75 10.16 2.65
C VAL B 120 15.29 10.01 1.23
N SER B 121 15.45 11.13 0.54
CA SER B 121 15.93 11.11 -0.84
C SER B 121 16.53 12.46 -1.19
N SER B 122 17.46 12.43 -2.14
CA SER B 122 18.08 13.65 -2.64
C SER B 122 17.24 14.33 -3.71
N ALA B 123 16.13 13.73 -4.13
CA ALA B 123 15.26 14.34 -5.12
C ALA B 123 14.46 15.48 -4.50
N SER B 124 13.94 16.35 -5.36
CA SER B 124 13.22 17.54 -4.93
C SER B 124 11.72 17.36 -5.12
N THR B 125 10.95 18.04 -4.27
CA THR B 125 9.50 17.96 -4.34
C THR B 125 9.00 18.54 -5.66
N LYS B 126 7.94 17.92 -6.20
CA LYS B 126 7.37 18.37 -7.47
C LYS B 126 5.94 17.89 -7.55
N GLY B 127 5.03 18.79 -7.93
CA GLY B 127 3.64 18.45 -8.09
C GLY B 127 3.38 17.69 -9.38
N PRO B 128 2.25 16.99 -9.45
CA PRO B 128 1.96 16.15 -10.62
C PRO B 128 1.32 16.94 -11.76
N SER B 129 1.40 16.35 -12.94
CA SER B 129 0.59 16.75 -14.08
C SER B 129 -0.55 15.76 -14.22
N VAL B 130 -1.77 16.28 -14.37
CA VAL B 130 -2.98 15.47 -14.42
C VAL B 130 -3.49 15.48 -15.86
N PHE B 131 -3.35 14.35 -16.55
CA PHE B 131 -3.86 14.22 -17.89
C PHE B 131 -5.09 13.33 -17.90
N PRO B 132 -6.00 13.49 -18.86
CA PRO B 132 -7.19 12.63 -18.92
C PRO B 132 -6.94 11.35 -19.68
N LEU B 133 -7.71 10.33 -19.33
CA LEU B 133 -7.80 9.06 -20.05
C LEU B 133 -9.25 9.01 -20.50
N ALA B 134 -9.51 9.50 -21.71
CA ALA B 134 -10.88 9.75 -22.16
C ALA B 134 -11.56 8.43 -22.54
N PRO B 135 -12.86 8.30 -22.27
CA PRO B 135 -13.56 7.08 -22.69
C PRO B 135 -13.63 6.97 -24.19
N SER B 136 -13.40 5.75 -24.70
CA SER B 136 -13.39 5.51 -26.14
C SER B 136 -14.78 5.62 -26.72
N SER B 137 -15.18 6.83 -27.13
CA SER B 137 -16.43 6.98 -27.88
C SER B 137 -16.43 6.14 -29.15
N LYS B 138 -15.25 5.83 -29.67
CA LYS B 138 -15.10 4.96 -30.83
C LYS B 138 -14.97 3.52 -30.36
N SER B 139 -15.94 2.69 -30.71
CA SER B 139 -15.96 1.30 -30.29
C SER B 139 -16.18 1.18 -28.79
N THR B 140 -17.45 1.20 -28.36
CA THR B 140 -17.79 1.05 -26.96
C THR B 140 -19.19 0.44 -26.87
N SER B 141 -19.32 -0.61 -26.06
CA SER B 141 -20.60 -1.28 -25.91
C SER B 141 -21.51 -0.48 -24.97
N GLY B 142 -22.80 -0.81 -25.02
CA GLY B 142 -23.76 -0.12 -24.16
C GLY B 142 -23.58 -0.53 -22.71
N GLY B 143 -23.47 0.48 -21.84
CA GLY B 143 -23.33 0.23 -20.42
C GLY B 143 -21.96 -0.21 -19.97
N THR B 144 -20.95 -0.12 -20.83
CA THR B 144 -19.59 -0.55 -20.50
C THR B 144 -18.61 0.49 -21.05
N ALA B 145 -18.28 1.48 -20.22
CA ALA B 145 -17.28 2.47 -20.55
C ALA B 145 -16.29 2.60 -19.40
N ALA B 146 -15.06 3.01 -19.73
CA ALA B 146 -14.02 3.21 -18.74
C ALA B 146 -13.31 4.53 -19.03
N LEU B 147 -13.17 5.36 -17.99
CA LEU B 147 -12.48 6.63 -18.10
C LEU B 147 -11.52 6.75 -16.92
N GLY B 148 -10.64 7.75 -16.96
CA GLY B 148 -9.73 7.88 -15.85
C GLY B 148 -8.87 9.12 -15.93
N CYS B 149 -7.92 9.20 -15.00
CA CYS B 149 -6.94 10.27 -14.91
C CYS B 149 -5.57 9.68 -14.70
N LEU B 150 -4.56 10.32 -15.28
CA LEU B 150 -3.16 9.93 -15.16
C LEU B 150 -2.43 11.03 -14.41
N VAL B 151 -1.93 10.71 -13.22
CA VAL B 151 -1.19 11.63 -12.37
C VAL B 151 0.29 11.29 -12.52
N LYS B 152 1.02 12.13 -13.25
CA LYS B 152 2.37 11.80 -13.69
C LYS B 152 3.39 12.82 -13.19
N ASP B 153 4.60 12.34 -12.92
CA ASP B 153 5.74 13.20 -12.63
C ASP B 153 5.50 14.02 -11.36
N TYR B 154 5.57 13.33 -10.22
CA TYR B 154 5.48 13.97 -8.92
C TYR B 154 6.40 13.25 -7.94
N PHE B 155 6.68 13.94 -6.83
CA PHE B 155 7.55 13.41 -5.80
C PHE B 155 7.48 14.31 -4.58
N PRO B 156 7.44 13.77 -3.35
CA PRO B 156 7.35 12.34 -3.00
C PRO B 156 5.90 11.90 -2.90
N GLU B 157 5.67 10.70 -2.36
CA GLU B 157 4.32 10.29 -2.04
C GLU B 157 3.78 11.12 -0.88
N PRO B 158 2.45 11.15 -0.70
CA PRO B 158 1.40 10.53 -1.52
C PRO B 158 0.62 11.52 -2.36
N VAL B 159 -0.16 11.02 -3.32
CA VAL B 159 -1.20 11.77 -3.98
C VAL B 159 -2.52 11.08 -3.70
N THR B 160 -3.57 11.86 -3.46
CA THR B 160 -4.92 11.34 -3.28
C THR B 160 -5.75 11.70 -4.50
N VAL B 161 -6.57 10.76 -4.95
CA VAL B 161 -7.41 10.94 -6.12
C VAL B 161 -8.84 10.57 -5.74
N SER B 162 -9.75 11.53 -5.85
CA SER B 162 -11.17 11.29 -5.69
C SER B 162 -11.88 11.58 -7.01
N TRP B 163 -13.16 11.21 -7.08
CA TRP B 163 -13.96 11.42 -8.29
C TRP B 163 -15.25 12.12 -7.91
N ASN B 164 -15.56 13.21 -8.62
CA ASN B 164 -16.76 14.01 -8.35
C ASN B 164 -16.79 14.47 -6.89
N SER B 165 -15.62 14.88 -6.39
CA SER B 165 -15.48 15.43 -5.04
C SER B 165 -16.05 14.48 -4.00
N GLY B 166 -15.85 13.18 -4.22
CA GLY B 166 -16.25 12.16 -3.26
C GLY B 166 -17.57 11.49 -3.58
N ALA B 167 -18.34 11.99 -4.55
CA ALA B 167 -19.63 11.38 -4.85
C ALA B 167 -19.44 10.05 -5.57
N LEU B 168 -18.58 10.01 -6.59
CA LEU B 168 -18.35 8.80 -7.36
C LEU B 168 -17.30 7.94 -6.65
N THR B 169 -17.72 6.75 -6.21
CA THR B 169 -16.82 5.81 -5.55
C THR B 169 -16.99 4.37 -6.01
N SER B 170 -18.17 3.96 -6.45
CA SER B 170 -18.36 2.59 -6.93
C SER B 170 -17.64 2.39 -8.25
N GLY B 171 -16.85 1.31 -8.34
CA GLY B 171 -16.13 1.00 -9.55
C GLY B 171 -14.85 1.78 -9.76
N VAL B 172 -14.40 2.55 -8.78
CA VAL B 172 -13.17 3.30 -8.89
C VAL B 172 -12.00 2.41 -8.50
N HIS B 173 -10.92 2.48 -9.28
CA HIS B 173 -9.68 1.78 -8.98
C HIS B 173 -8.53 2.77 -9.13
N THR B 174 -7.93 3.15 -8.02
CA THR B 174 -6.76 4.03 -8.01
C THR B 174 -5.53 3.16 -7.75
N PHE B 175 -4.66 3.07 -8.75
CA PHE B 175 -3.56 2.12 -8.69
C PHE B 175 -2.44 2.63 -7.79
N PRO B 176 -1.65 1.74 -7.22
CA PRO B 176 -0.48 2.17 -6.44
C PRO B 176 0.53 2.87 -7.33
N ALA B 177 1.16 3.89 -6.78
CA ALA B 177 2.15 4.66 -7.54
C ALA B 177 3.35 3.79 -7.87
N VAL B 178 3.83 3.93 -9.10
CA VAL B 178 5.06 3.28 -9.55
C VAL B 178 6.12 4.35 -9.74
N LEU B 179 7.35 4.03 -9.34
CA LEU B 179 8.47 4.96 -9.52
C LEU B 179 9.01 4.81 -10.93
N GLN B 180 9.06 5.92 -11.67
CA GLN B 180 9.56 5.89 -13.04
C GLN B 180 11.09 5.99 -13.05
N SER B 181 11.67 5.68 -14.20
CA SER B 181 13.12 5.80 -14.35
C SER B 181 13.59 7.24 -14.13
N SER B 182 12.71 8.23 -14.34
CA SER B 182 13.07 9.62 -14.10
C SER B 182 13.22 9.94 -12.61
N GLY B 183 12.92 8.99 -11.72
CA GLY B 183 12.90 9.27 -10.30
C GLY B 183 11.62 9.89 -9.79
N LEU B 184 10.64 10.13 -10.66
CA LEU B 184 9.35 10.69 -10.26
C LEU B 184 8.29 9.61 -10.25
N TYR B 185 7.22 9.88 -9.51
CA TYR B 185 6.14 8.92 -9.36
C TYR B 185 5.04 9.16 -10.38
N SER B 186 4.30 8.09 -10.68
CA SER B 186 3.16 8.18 -11.57
C SER B 186 2.14 7.12 -11.17
N LEU B 187 0.87 7.46 -11.36
CA LEU B 187 -0.19 6.49 -11.17
C LEU B 187 -1.39 6.88 -12.02
N SER B 188 -2.40 6.02 -12.03
CA SER B 188 -3.63 6.27 -12.76
C SER B 188 -4.79 5.87 -11.87
N SER B 189 -5.88 6.63 -11.98
CA SER B 189 -7.12 6.32 -11.28
C SER B 189 -8.21 6.20 -12.34
N VAL B 190 -8.81 5.01 -12.42
CA VAL B 190 -9.81 4.73 -13.45
C VAL B 190 -11.14 4.46 -12.78
N VAL B 191 -12.19 4.51 -13.59
CA VAL B 191 -13.54 4.19 -13.13
C VAL B 191 -14.35 3.74 -14.33
N THR B 192 -15.18 2.73 -14.12
CA THR B 192 -16.10 2.22 -15.12
C THR B 192 -17.49 2.77 -14.87
N VAL B 193 -18.22 2.99 -15.96
CA VAL B 193 -19.50 3.69 -15.93
C VAL B 193 -20.31 3.32 -17.16
N PRO B 194 -21.64 3.31 -17.09
CA PRO B 194 -22.43 3.08 -18.30
C PRO B 194 -22.16 4.15 -19.36
N SER B 195 -22.04 3.70 -20.61
CA SER B 195 -21.80 4.62 -21.71
C SER B 195 -22.99 5.53 -22.00
N SER B 196 -24.20 5.11 -21.59
CA SER B 196 -25.38 5.94 -21.83
C SER B 196 -25.25 7.29 -21.13
N SER B 197 -24.51 7.34 -20.03
CA SER B 197 -24.33 8.57 -19.27
C SER B 197 -23.08 9.34 -19.67
N LEU B 198 -22.37 8.90 -20.71
CA LEU B 198 -21.12 9.55 -21.08
C LEU B 198 -21.36 10.99 -21.52
N GLY B 199 -22.43 11.23 -22.26
CA GLY B 199 -22.71 12.55 -22.80
C GLY B 199 -23.51 13.43 -21.87
N THR B 200 -24.24 12.84 -20.93
CA THR B 200 -25.12 13.58 -20.04
C THR B 200 -24.61 13.59 -18.60
N GLN B 201 -23.35 13.23 -18.37
CA GLN B 201 -22.76 13.23 -17.05
C GLN B 201 -21.32 13.71 -17.14
N THR B 202 -20.99 14.72 -16.34
CA THR B 202 -19.65 15.29 -16.32
C THR B 202 -18.84 14.63 -15.22
N TYR B 203 -17.66 14.12 -15.57
CA TYR B 203 -16.83 13.35 -14.65
C TYR B 203 -15.58 14.14 -14.31
N ILE B 204 -15.37 14.35 -13.02
CA ILE B 204 -14.26 15.15 -12.51
C ILE B 204 -13.37 14.23 -11.67
N CYS B 205 -12.06 14.35 -11.87
CA CYS B 205 -11.08 13.69 -11.02
C CYS B 205 -10.32 14.76 -10.25
N ASN B 206 -10.36 14.66 -8.93
CA ASN B 206 -9.71 15.59 -8.03
C ASN B 206 -8.42 14.95 -7.53
N VAL B 207 -7.29 15.44 -8.03
CA VAL B 207 -5.97 14.97 -7.62
C VAL B 207 -5.39 15.97 -6.64
N ASN B 208 -4.66 15.47 -5.65
CA ASN B 208 -4.07 16.34 -4.65
C ASN B 208 -2.74 15.77 -4.18
N HIS B 209 -1.70 16.59 -4.26
CA HIS B 209 -0.35 16.26 -3.81
C HIS B 209 -0.02 17.22 -2.66
N LYS B 210 -0.12 16.72 -1.43
CA LYS B 210 0.10 17.59 -0.26
C LYS B 210 1.51 18.15 -0.21
N PRO B 211 2.57 17.36 -0.40
CA PRO B 211 3.93 17.94 -0.31
C PRO B 211 4.13 19.18 -1.18
N SER B 212 3.53 19.19 -2.37
CA SER B 212 3.61 20.35 -3.26
C SER B 212 2.42 21.28 -3.12
N ASN B 213 1.49 20.99 -2.20
CA ASN B 213 0.29 21.80 -2.03
C ASN B 213 -0.45 21.98 -3.35
N THR B 214 -0.44 20.94 -4.17
CA THR B 214 -1.08 20.95 -5.47
C THR B 214 -2.46 20.34 -5.37
N LYS B 215 -3.47 21.05 -5.87
CA LYS B 215 -4.84 20.54 -5.93
C LYS B 215 -5.38 20.82 -7.32
N VAL B 216 -5.59 19.76 -8.10
CA VAL B 216 -6.03 19.89 -9.49
C VAL B 216 -7.35 19.14 -9.66
N ASP B 217 -8.19 19.67 -10.54
CA ASP B 217 -9.42 19.02 -10.95
C ASP B 217 -9.40 18.89 -12.46
N LYS B 218 -9.62 17.68 -12.96
CA LYS B 218 -9.59 17.42 -14.40
C LYS B 218 -10.93 16.84 -14.85
N LYS B 219 -11.50 17.46 -15.88
CA LYS B 219 -12.70 16.92 -16.52
C LYS B 219 -12.30 15.84 -17.50
N VAL B 220 -13.04 14.74 -17.50
CA VAL B 220 -12.81 13.61 -18.40
C VAL B 220 -14.05 13.44 -19.26
N GLU B 221 -13.89 13.57 -20.57
CA GLU B 221 -15.00 13.48 -21.51
C GLU B 221 -14.47 12.94 -22.83
N PRO B 222 -15.35 12.43 -23.70
CA PRO B 222 -14.89 11.88 -24.98
C PRO B 222 -14.10 12.92 -25.78
N LYS B 223 -13.56 12.47 -26.90
CA LYS B 223 -12.71 13.27 -27.75
C LYS B 223 -13.31 13.39 -29.15
N SER B 224 -13.05 14.52 -29.80
CA SER B 224 -13.58 14.79 -31.14
C SER B 224 -15.09 14.62 -31.19
N ASP C 1 21.07 -11.27 18.33
CA ASP C 1 19.73 -10.88 17.91
C ASP C 1 18.86 -12.09 17.66
N ILE C 2 17.64 -12.08 18.19
CA ILE C 2 16.69 -13.17 18.02
C ILE C 2 15.90 -12.93 16.73
N GLN C 3 15.90 -13.93 15.85
CA GLN C 3 15.18 -13.85 14.59
C GLN C 3 13.87 -14.63 14.68
N MET C 4 12.89 -14.19 13.90
CA MET C 4 11.58 -14.83 13.82
C MET C 4 11.30 -15.14 12.36
N THR C 5 11.49 -16.39 11.96
CA THR C 5 11.27 -16.84 10.59
C THR C 5 9.80 -17.22 10.44
N GLN C 6 9.06 -16.44 9.67
CA GLN C 6 7.62 -16.63 9.51
C GLN C 6 7.32 -17.31 8.18
N SER C 7 6.38 -18.24 8.20
CA SER C 7 5.96 -18.96 7.01
C SER C 7 4.48 -19.26 7.08
N PRO C 8 3.79 -19.33 5.93
CA PRO C 8 4.32 -19.00 4.60
C PRO C 8 4.36 -17.49 4.38
N SER C 9 4.99 -17.04 3.31
CA SER C 9 5.00 -15.61 3.02
C SER C 9 3.66 -15.13 2.52
N SER C 10 2.84 -16.02 1.97
CA SER C 10 1.53 -15.65 1.44
C SER C 10 0.72 -16.91 1.20
N LEU C 11 -0.59 -16.73 1.04
CA LEU C 11 -1.45 -17.84 0.69
C LEU C 11 -2.82 -17.30 0.28
N SER C 12 -3.45 -18.01 -0.64
CA SER C 12 -4.78 -17.69 -1.13
C SER C 12 -5.70 -18.83 -0.70
N ALA C 13 -6.63 -18.54 0.20
CA ALA C 13 -7.52 -19.53 0.77
C ALA C 13 -8.97 -19.13 0.54
N SER C 14 -9.83 -20.14 0.48
CA SER C 14 -11.26 -19.91 0.30
C SER C 14 -11.91 -19.74 1.67
N VAL C 15 -13.02 -18.99 1.69
CA VAL C 15 -13.76 -18.80 2.92
C VAL C 15 -14.11 -20.15 3.52
N GLY C 16 -13.94 -20.27 4.83
CA GLY C 16 -14.18 -21.52 5.52
C GLY C 16 -12.95 -22.38 5.72
N ASP C 17 -11.91 -22.18 4.90
CA ASP C 17 -10.68 -22.93 5.07
C ASP C 17 -10.04 -22.60 6.42
N ARG C 18 -9.35 -23.58 6.99
CA ARG C 18 -8.52 -23.36 8.15
C ARG C 18 -7.14 -22.93 7.69
N VAL C 19 -6.58 -21.92 8.35
CA VAL C 19 -5.25 -21.43 8.00
C VAL C 19 -4.35 -21.53 9.22
N THR C 20 -3.11 -21.97 9.00
CA THR C 20 -2.09 -22.04 10.03
C THR C 20 -0.87 -21.26 9.56
N ILE C 21 -0.34 -20.41 10.42
CA ILE C 21 0.83 -19.58 10.12
C ILE C 21 1.85 -19.81 11.22
N THR C 22 3.06 -20.21 10.85
CA THR C 22 4.09 -20.57 11.82
C THR C 22 5.18 -19.51 11.86
N CYS C 23 5.79 -19.37 13.03
CA CYS C 23 6.93 -18.49 13.25
C CYS C 23 7.92 -19.24 14.13
N ARG C 24 9.16 -19.34 13.67
CA ARG C 24 10.21 -20.03 14.40
C ARG C 24 11.20 -19.01 14.94
N ALA C 25 11.37 -19.01 16.26
CA ALA C 25 12.37 -18.16 16.89
C ALA C 25 13.73 -18.81 16.80
N SER C 26 14.76 -18.00 16.53
CA SER C 26 16.11 -18.53 16.42
C SER C 26 16.57 -19.16 17.73
N GLN C 27 16.12 -18.62 18.86
CA GLN C 27 16.38 -19.21 20.17
C GLN C 27 15.11 -19.09 21.00
N SER C 28 15.19 -19.53 22.24
CA SER C 28 14.02 -19.51 23.11
C SER C 28 13.58 -18.07 23.38
N VAL C 29 12.28 -17.84 23.32
CA VAL C 29 11.71 -16.53 23.65
C VAL C 29 10.61 -16.73 24.68
N SER C 30 10.66 -17.86 25.41
CA SER C 30 9.67 -18.20 26.41
C SER C 30 8.29 -18.11 25.74
N SER C 31 7.31 -17.41 26.32
CA SER C 31 5.99 -17.26 25.72
C SER C 31 5.71 -15.80 25.36
N ALA C 32 6.75 -14.97 25.27
CA ALA C 32 6.58 -13.53 25.03
C ALA C 32 6.42 -13.25 23.53
N VAL C 33 5.40 -13.87 22.94
CA VAL C 33 5.13 -13.76 21.52
C VAL C 33 3.73 -13.20 21.32
N ALA C 34 3.60 -12.28 20.38
CA ALA C 34 2.33 -11.65 20.04
C ALA C 34 2.08 -11.81 18.55
N TRP C 35 0.80 -11.82 18.20
CA TRP C 35 0.34 -11.88 16.81
C TRP C 35 -0.53 -10.68 16.52
N TYR C 36 -0.31 -10.07 15.35
CA TYR C 36 -1.01 -8.87 14.90
C TYR C 36 -1.61 -9.10 13.52
N GLN C 37 -2.70 -8.39 13.25
CA GLN C 37 -3.33 -8.34 11.94
C GLN C 37 -3.27 -6.91 11.41
N GLN C 38 -2.91 -6.77 10.13
CA GLN C 38 -2.83 -5.46 9.49
C GLN C 38 -3.58 -5.51 8.16
N LYS C 39 -4.57 -4.64 8.01
CA LYS C 39 -5.21 -4.41 6.73
C LYS C 39 -4.35 -3.46 5.89
N PRO C 40 -4.49 -3.50 4.57
CA PRO C 40 -3.64 -2.66 3.71
C PRO C 40 -3.79 -1.19 4.06
N GLY C 41 -2.65 -0.55 4.39
CA GLY C 41 -2.64 0.86 4.70
C GLY C 41 -3.04 1.24 6.11
N LYS C 42 -3.57 0.30 6.90
CA LYS C 42 -4.00 0.59 8.26
C LYS C 42 -2.92 0.17 9.25
N ALA C 43 -3.09 0.61 10.50
CA ALA C 43 -2.16 0.21 11.54
C ALA C 43 -2.45 -1.23 11.98
N PRO C 44 -1.43 -1.96 12.42
CA PRO C 44 -1.67 -3.31 12.93
C PRO C 44 -2.64 -3.31 14.10
N LYS C 45 -3.28 -4.45 14.30
CA LYS C 45 -4.23 -4.67 15.40
C LYS C 45 -3.79 -5.89 16.19
N LEU C 46 -3.74 -5.76 17.51
CA LEU C 46 -3.28 -6.85 18.37
C LEU C 46 -4.29 -7.98 18.35
N LEU C 47 -3.83 -9.18 17.97
CA LEU C 47 -4.66 -10.37 17.97
C LEU C 47 -4.40 -11.21 19.22
N ILE C 48 -3.14 -11.59 19.44
CA ILE C 48 -2.79 -12.52 20.52
C ILE C 48 -1.57 -11.99 21.26
N TYR C 49 -1.55 -12.23 22.58
CA TYR C 49 -0.42 -11.88 23.42
C TYR C 49 -0.02 -13.08 24.27
N SER C 50 1.24 -13.10 24.68
CA SER C 50 1.77 -14.19 25.50
C SER C 50 1.60 -15.53 24.80
N ALA C 51 1.74 -15.53 23.47
CA ALA C 51 1.75 -16.74 22.66
C ALA C 51 0.37 -17.33 22.44
N SER C 52 -0.47 -17.36 23.49
CA SER C 52 -1.72 -18.11 23.42
C SER C 52 -2.94 -17.39 23.99
N SER C 53 -2.78 -16.18 24.53
CA SER C 53 -3.90 -15.47 25.14
C SER C 53 -4.60 -14.62 24.08
N LEU C 54 -5.92 -14.73 24.01
CA LEU C 54 -6.71 -14.01 23.02
C LEU C 54 -6.98 -12.60 23.53
N TYR C 55 -6.56 -11.61 22.76
CA TYR C 55 -6.78 -10.22 23.16
C TYR C 55 -8.27 -9.91 23.21
N SER C 56 -8.65 -9.03 24.13
CA SER C 56 -10.05 -8.69 24.30
C SER C 56 -10.63 -8.15 23.00
N GLY C 57 -11.74 -8.74 22.57
CA GLY C 57 -12.46 -8.31 21.40
C GLY C 57 -12.21 -9.14 20.16
N VAL C 58 -11.15 -9.93 20.14
CA VAL C 58 -10.79 -10.69 18.94
C VAL C 58 -11.67 -11.94 18.86
N PRO C 59 -12.26 -12.24 17.70
CA PRO C 59 -13.12 -13.43 17.61
C PRO C 59 -12.40 -14.70 18.03
N SER C 60 -13.17 -15.65 18.54
CA SER C 60 -12.62 -16.90 19.06
C SER C 60 -12.04 -17.80 17.98
N ARG C 61 -12.30 -17.52 16.71
CA ARG C 61 -11.73 -18.36 15.66
C ARG C 61 -10.22 -18.16 15.52
N PHE C 62 -9.69 -17.07 16.06
CA PHE C 62 -8.24 -16.87 16.11
C PHE C 62 -7.69 -17.54 17.36
N SER C 63 -6.59 -18.28 17.20
CA SER C 63 -5.97 -18.94 18.34
C SER C 63 -4.46 -18.97 18.13
N GLY C 64 -3.73 -18.99 19.24
CA GLY C 64 -2.27 -19.05 19.19
C GLY C 64 -1.74 -20.12 20.12
N SER C 65 -0.69 -20.80 19.67
CA SER C 65 -0.11 -21.89 20.44
C SER C 65 1.40 -21.87 20.31
N ARG C 66 2.06 -22.48 21.29
CA ARG C 66 3.51 -22.59 21.34
C ARG C 66 3.91 -24.05 21.52
N SER C 67 5.00 -24.44 20.84
CA SER C 67 5.67 -25.72 21.06
C SER C 67 7.16 -25.43 20.96
N GLY C 68 7.82 -25.31 22.11
CA GLY C 68 9.23 -24.96 22.15
C GLY C 68 9.51 -23.59 21.56
N THR C 69 10.18 -23.56 20.42
CA THR C 69 10.46 -22.32 19.71
C THR C 69 9.50 -22.07 18.56
N ASP C 70 8.56 -22.99 18.30
CA ASP C 70 7.59 -22.83 17.22
C ASP C 70 6.33 -22.19 17.76
N PHE C 71 5.86 -21.12 17.11
CA PHE C 71 4.62 -20.45 17.49
C PHE C 71 3.69 -20.46 16.29
N THR C 72 2.42 -20.77 16.54
CA THR C 72 1.45 -20.97 15.46
C THR C 72 0.19 -20.16 15.71
N LEU C 73 -0.23 -19.44 14.67
CA LEU C 73 -1.50 -18.72 14.65
C LEU C 73 -2.45 -19.49 13.75
N THR C 74 -3.61 -19.86 14.29
CA THR C 74 -4.61 -20.62 13.57
C THR C 74 -5.87 -19.80 13.45
N ILE C 75 -6.39 -19.69 12.24
CA ILE C 75 -7.75 -19.24 11.98
C ILE C 75 -8.54 -20.50 11.64
N SER C 76 -9.39 -20.94 12.58
CA SER C 76 -10.08 -22.21 12.43
C SER C 76 -10.87 -22.25 11.13
N SER C 77 -11.69 -21.23 10.89
CA SER C 77 -12.48 -21.10 9.67
C SER C 77 -12.34 -19.68 9.16
N LEU C 78 -11.76 -19.53 7.97
CA LEU C 78 -11.44 -18.21 7.44
C LEU C 78 -12.70 -17.46 7.04
N GLN C 79 -12.95 -16.34 7.68
CA GLN C 79 -14.06 -15.46 7.32
C GLN C 79 -13.63 -14.48 6.24
N PRO C 80 -14.59 -13.94 5.48
CA PRO C 80 -14.21 -13.04 4.37
C PRO C 80 -13.50 -11.78 4.82
N GLU C 81 -13.69 -11.34 6.07
CA GLU C 81 -13.04 -10.15 6.58
C GLU C 81 -11.64 -10.42 7.14
N ASP C 82 -11.21 -11.69 7.17
CA ASP C 82 -9.88 -12.03 7.66
C ASP C 82 -8.78 -11.76 6.63
N PHE C 83 -9.13 -11.25 5.46
CA PHE C 83 -8.16 -10.78 4.48
C PHE C 83 -7.19 -9.81 5.14
N ALA C 84 -5.89 -10.12 5.09
CA ALA C 84 -4.93 -9.23 5.74
C ALA C 84 -3.51 -9.78 5.76
N THR C 85 -2.56 -9.00 6.27
CA THR C 85 -1.21 -9.49 6.53
C THR C 85 -1.05 -9.70 8.03
N TYR C 86 -0.63 -10.90 8.42
CA TYR C 86 -0.48 -11.27 9.82
C TYR C 86 1.00 -11.34 10.18
N TYR C 87 1.34 -10.80 11.35
CA TYR C 87 2.72 -10.69 11.79
C TYR C 87 2.89 -11.29 13.18
N CYS C 88 3.99 -12.00 13.39
CA CYS C 88 4.40 -12.43 14.72
C CYS C 88 5.47 -11.48 15.25
N GLN C 89 5.59 -11.45 16.57
CA GLN C 89 6.55 -10.58 17.23
C GLN C 89 7.03 -11.25 18.51
N GLN C 90 8.33 -11.21 18.74
CA GLN C 90 8.91 -11.66 20.00
C GLN C 90 9.26 -10.43 20.84
N SER C 91 8.86 -10.46 22.11
CA SER C 91 9.20 -9.43 23.07
C SER C 91 9.86 -10.04 24.30
N TYR C 92 10.61 -11.12 24.11
CA TYR C 92 11.33 -11.74 25.21
C TYR C 92 12.55 -10.93 25.62
N SER C 93 13.24 -10.34 24.64
CA SER C 93 14.42 -9.54 24.93
C SER C 93 14.56 -8.47 23.85
N PHE C 94 15.34 -7.43 24.17
CA PHE C 94 15.58 -6.37 23.21
C PHE C 94 16.84 -6.69 22.40
N PRO C 95 16.88 -6.31 21.11
CA PRO C 95 15.81 -5.63 20.37
C PRO C 95 14.66 -6.57 20.02
N SER C 96 13.44 -6.03 19.95
CA SER C 96 12.30 -6.82 19.55
C SER C 96 12.41 -7.20 18.07
N THR C 97 11.68 -8.25 17.69
CA THR C 97 11.75 -8.77 16.34
C THR C 97 10.36 -9.13 15.84
N PHE C 98 10.06 -8.72 14.60
CA PHE C 98 8.82 -9.10 13.93
C PHE C 98 9.13 -10.17 12.88
N GLY C 99 8.15 -11.03 12.63
CA GLY C 99 8.24 -11.93 11.50
C GLY C 99 8.09 -11.18 10.18
N GLN C 100 8.46 -11.86 9.10
CA GLN C 100 8.37 -11.24 7.78
C GLN C 100 6.93 -11.00 7.33
N GLY C 101 5.97 -11.67 7.95
CA GLY C 101 4.57 -11.47 7.64
C GLY C 101 4.03 -12.54 6.70
N THR C 102 2.71 -12.72 6.76
CA THR C 102 2.00 -13.66 5.91
C THR C 102 0.78 -12.95 5.34
N LYS C 103 0.74 -12.80 4.01
CA LYS C 103 -0.36 -12.13 3.34
C LYS C 103 -1.43 -13.15 2.98
N VAL C 104 -2.59 -13.04 3.62
CA VAL C 104 -3.72 -13.92 3.39
C VAL C 104 -4.71 -13.18 2.50
N GLU C 105 -4.86 -13.71 1.28
CA GLU C 105 -5.82 -13.27 0.28
C GLU C 105 -6.91 -14.33 0.13
N ILE C 106 -8.03 -13.93 -0.47
CA ILE C 106 -9.22 -14.78 -0.55
C ILE C 106 -9.34 -15.35 -1.95
N LYS C 107 -9.56 -16.66 -2.03
CA LYS C 107 -9.77 -17.32 -3.31
C LYS C 107 -11.17 -17.04 -3.84
N ARG C 108 -11.33 -17.25 -5.14
CA ARG C 108 -12.62 -17.08 -5.80
C ARG C 108 -12.51 -17.69 -7.19
N THR C 109 -13.64 -17.73 -7.88
CA THR C 109 -13.68 -18.30 -9.22
C THR C 109 -12.87 -17.44 -10.18
N VAL C 110 -12.38 -18.08 -11.24
CA VAL C 110 -11.66 -17.35 -12.28
C VAL C 110 -12.57 -16.29 -12.89
N ALA C 111 -12.01 -15.11 -13.12
CA ALA C 111 -12.74 -14.01 -13.76
C ALA C 111 -11.82 -13.38 -14.81
N ALA C 112 -12.34 -13.27 -16.04
CA ALA C 112 -11.55 -12.71 -17.13
C ALA C 112 -11.48 -11.19 -17.00
N PRO C 113 -10.37 -10.59 -17.43
CA PRO C 113 -10.25 -9.13 -17.35
C PRO C 113 -11.02 -8.45 -18.47
N SER C 114 -11.59 -7.29 -18.15
CA SER C 114 -12.09 -6.38 -19.16
C SER C 114 -10.94 -5.48 -19.58
N VAL C 115 -10.62 -5.46 -20.86
CA VAL C 115 -9.44 -4.76 -21.38
C VAL C 115 -9.87 -3.46 -22.04
N PHE C 116 -9.16 -2.39 -21.71
CA PHE C 116 -9.39 -1.07 -22.31
C PHE C 116 -8.04 -0.46 -22.68
N ILE C 117 -8.04 0.31 -23.76
CA ILE C 117 -6.84 1.01 -24.23
C ILE C 117 -7.14 2.50 -24.31
N PHE C 118 -6.17 3.31 -23.87
CA PHE C 118 -6.33 4.76 -23.76
C PHE C 118 -5.14 5.41 -24.44
N PRO C 119 -5.33 6.14 -25.54
CA PRO C 119 -4.21 6.88 -26.14
C PRO C 119 -3.80 8.06 -25.29
N PRO C 120 -2.65 8.65 -25.56
CA PRO C 120 -2.24 9.85 -24.81
C PRO C 120 -3.07 11.06 -25.21
N SER C 121 -3.46 11.85 -24.21
CA SER C 121 -4.19 13.08 -24.48
C SER C 121 -3.30 14.06 -25.24
N ASP C 122 -3.95 14.97 -25.98
CA ASP C 122 -3.19 16.00 -26.67
C ASP C 122 -2.44 16.89 -25.69
N GLU C 123 -3.07 17.20 -24.55
CA GLU C 123 -2.42 18.01 -23.53
C GLU C 123 -1.03 17.47 -23.19
N GLN C 124 -0.95 16.17 -22.92
CA GLN C 124 0.35 15.56 -22.63
C GLN C 124 1.25 15.62 -23.84
N LEU C 125 0.72 15.31 -25.03
CA LEU C 125 1.54 15.30 -26.23
C LEU C 125 2.26 16.63 -26.42
N LYS C 126 1.59 17.74 -26.05
CA LYS C 126 2.22 19.04 -26.21
C LYS C 126 3.40 19.24 -25.27
N SER C 127 3.57 18.38 -24.27
CA SER C 127 4.70 18.46 -23.35
C SER C 127 5.91 17.66 -23.82
N GLY C 128 5.77 16.88 -24.88
CA GLY C 128 6.89 16.13 -25.43
C GLY C 128 6.94 14.67 -25.06
N THR C 129 5.94 14.15 -24.37
CA THR C 129 5.88 12.74 -23.99
C THR C 129 4.50 12.19 -24.31
N ALA C 130 4.43 10.88 -24.44
CA ALA C 130 3.19 10.18 -24.77
C ALA C 130 3.05 8.98 -23.85
N SER C 131 1.93 8.90 -23.14
CA SER C 131 1.60 7.78 -22.26
C SER C 131 0.39 7.06 -22.82
N VAL C 132 0.57 5.79 -23.18
CA VAL C 132 -0.51 4.93 -23.63
C VAL C 132 -0.83 3.96 -22.48
N VAL C 133 -2.10 3.84 -22.13
CA VAL C 133 -2.50 3.08 -20.96
C VAL C 133 -3.34 1.90 -21.40
N CYS C 134 -3.11 0.74 -20.77
CA CYS C 134 -3.92 -0.45 -20.96
C CYS C 134 -4.43 -0.88 -19.59
N LEU C 135 -5.75 -0.97 -19.46
CA LEU C 135 -6.40 -1.32 -18.20
C LEU C 135 -7.01 -2.71 -18.30
N LEU C 136 -6.63 -3.58 -17.36
CA LEU C 136 -7.26 -4.88 -17.18
C LEU C 136 -8.09 -4.80 -15.89
N ASN C 137 -9.39 -4.99 -16.02
CA ASN C 137 -10.32 -4.72 -14.92
C ASN C 137 -11.00 -5.99 -14.43
N ASN C 138 -11.04 -6.15 -13.10
CA ASN C 138 -11.93 -7.11 -12.43
C ASN C 138 -11.67 -8.54 -12.91
N PHE C 139 -10.43 -8.99 -12.70
CA PHE C 139 -10.01 -10.32 -13.10
C PHE C 139 -9.46 -11.07 -11.89
N TYR C 140 -9.43 -12.41 -12.02
CA TYR C 140 -8.87 -13.30 -11.02
C TYR C 140 -8.46 -14.58 -11.71
N PRO C 141 -7.27 -15.12 -11.40
CA PRO C 141 -6.29 -14.66 -10.41
C PRO C 141 -5.43 -13.47 -10.86
N ARG C 142 -4.52 -13.05 -9.99
CA ARG C 142 -3.69 -11.88 -10.26
C ARG C 142 -2.76 -12.07 -11.46
N GLU C 143 -2.44 -13.32 -11.79
CA GLU C 143 -1.49 -13.58 -12.87
C GLU C 143 -2.06 -13.13 -14.20
N ALA C 144 -1.31 -12.29 -14.92
CA ALA C 144 -1.73 -11.83 -16.24
C ALA C 144 -0.51 -11.33 -17.00
N LYS C 145 -0.53 -11.53 -18.31
CA LYS C 145 0.56 -11.09 -19.18
C LYS C 145 0.04 -9.98 -20.09
N VAL C 146 0.76 -8.86 -20.12
CA VAL C 146 0.43 -7.72 -20.97
C VAL C 146 1.59 -7.48 -21.92
N GLN C 147 1.28 -7.37 -23.22
CA GLN C 147 2.29 -7.18 -24.24
C GLN C 147 1.89 -6.01 -25.13
N TRP C 148 2.80 -5.04 -25.28
CA TRP C 148 2.55 -3.86 -26.09
C TRP C 148 3.09 -4.07 -27.51
N LYS C 149 2.36 -3.54 -28.48
CA LYS C 149 2.74 -3.64 -29.89
C LYS C 149 2.53 -2.29 -30.56
N VAL C 150 3.55 -1.85 -31.30
CA VAL C 150 3.50 -0.60 -32.04
C VAL C 150 3.77 -0.95 -33.49
N ASP C 151 2.74 -0.85 -34.33
CA ASP C 151 2.83 -1.30 -35.72
C ASP C 151 3.34 -2.74 -35.77
N ASN C 152 2.76 -3.58 -34.90
CA ASN C 152 3.12 -4.98 -34.77
C ASN C 152 4.56 -5.19 -34.31
N ALA C 153 5.19 -4.15 -33.77
CA ALA C 153 6.54 -4.24 -33.23
C ALA C 153 6.47 -4.53 -31.74
N LEU C 154 6.95 -5.70 -31.34
CA LEU C 154 6.93 -6.11 -29.94
C LEU C 154 7.73 -5.13 -29.09
N GLN C 155 7.09 -4.58 -28.07
CA GLN C 155 7.75 -3.63 -27.17
C GLN C 155 8.29 -4.35 -25.93
N SER C 156 9.29 -3.73 -25.31
CA SER C 156 9.88 -4.26 -24.10
C SER C 156 10.78 -3.20 -23.49
N GLY C 157 10.72 -3.07 -22.16
CA GLY C 157 11.56 -2.13 -21.45
C GLY C 157 11.05 -0.70 -21.40
N ASN C 158 9.91 -0.41 -22.05
CA ASN C 158 9.35 0.92 -22.07
C ASN C 158 7.94 0.94 -21.50
N SER C 159 7.62 -0.02 -20.63
CA SER C 159 6.30 -0.07 -19.99
C SER C 159 6.46 -0.42 -18.52
N GLN C 160 5.47 -0.01 -17.74
CA GLN C 160 5.43 -0.28 -16.31
C GLN C 160 4.03 -0.74 -15.92
N GLU C 161 3.98 -1.73 -15.03
CA GLU C 161 2.72 -2.32 -14.58
C GLU C 161 2.46 -1.97 -13.11
N SER C 162 1.18 -1.85 -12.77
CA SER C 162 0.77 -1.59 -11.39
C SER C 162 -0.55 -2.29 -11.13
N VAL C 163 -0.65 -3.00 -10.01
CA VAL C 163 -1.81 -3.81 -9.68
C VAL C 163 -2.40 -3.34 -8.36
N THR C 164 -3.73 -3.32 -8.29
CA THR C 164 -4.41 -2.95 -7.05
C THR C 164 -4.46 -4.14 -6.09
N GLU C 165 -4.88 -3.85 -4.86
CA GLU C 165 -5.16 -4.92 -3.91
C GLU C 165 -6.51 -5.55 -4.24
N GLN C 166 -6.68 -6.79 -3.78
CA GLN C 166 -7.92 -7.52 -4.02
C GLN C 166 -9.11 -6.68 -3.56
N ASP C 167 -10.07 -6.50 -4.46
CA ASP C 167 -11.23 -5.67 -4.17
C ASP C 167 -12.09 -6.32 -3.09
N SER C 168 -12.49 -5.53 -2.09
CA SER C 168 -13.25 -6.07 -0.97
C SER C 168 -14.67 -6.47 -1.34
N LYS C 169 -15.21 -5.94 -2.44
CA LYS C 169 -16.58 -6.29 -2.82
C LYS C 169 -16.63 -7.58 -3.62
N ASP C 170 -15.78 -7.70 -4.66
CA ASP C 170 -15.83 -8.84 -5.56
C ASP C 170 -14.55 -9.68 -5.57
N SER C 171 -13.54 -9.29 -4.79
CA SER C 171 -12.31 -10.08 -4.63
C SER C 171 -11.50 -10.20 -5.91
N THR C 172 -11.65 -9.26 -6.85
CA THR C 172 -10.91 -9.28 -8.10
C THR C 172 -9.75 -8.30 -8.04
N TYR C 173 -8.90 -8.36 -9.06
CA TYR C 173 -7.76 -7.46 -9.20
C TYR C 173 -7.97 -6.54 -10.41
N SER C 174 -7.20 -5.46 -10.42
CA SER C 174 -7.15 -4.54 -11.55
C SER C 174 -5.70 -4.18 -11.80
N LEU C 175 -5.33 -4.10 -13.07
CA LEU C 175 -3.96 -3.87 -13.49
C LEU C 175 -3.93 -2.76 -14.52
N SER C 176 -2.88 -1.94 -14.46
CA SER C 176 -2.65 -0.89 -15.44
C SER C 176 -1.23 -1.03 -15.97
N SER C 177 -1.10 -1.05 -17.29
CA SER C 177 0.19 -1.07 -17.96
C SER C 177 0.34 0.22 -18.74
N THR C 178 1.38 0.98 -18.43
CA THR C 178 1.62 2.28 -19.05
C THR C 178 2.87 2.17 -19.93
N LEU C 179 2.71 2.53 -21.20
CA LEU C 179 3.78 2.55 -22.18
C LEU C 179 4.15 4.01 -22.45
N THR C 180 5.43 4.34 -22.29
CA THR C 180 5.91 5.71 -22.40
C THR C 180 6.78 5.85 -23.64
N LEU C 181 6.47 6.84 -24.47
CA LEU C 181 7.25 7.16 -25.65
C LEU C 181 7.50 8.66 -25.72
N SER C 182 8.47 9.06 -26.53
CA SER C 182 8.63 10.46 -26.85
C SER C 182 7.57 10.90 -27.85
N LYS C 183 7.29 12.20 -27.86
CA LYS C 183 6.28 12.73 -28.77
C LYS C 183 6.58 12.33 -30.21
N ALA C 184 7.83 12.47 -30.63
CA ALA C 184 8.20 12.10 -31.99
C ALA C 184 7.95 10.62 -32.26
N ASP C 185 8.53 9.77 -31.41
CA ASP C 185 8.35 8.32 -31.58
C ASP C 185 6.87 7.96 -31.65
N TYR C 186 6.04 8.59 -30.82
CA TYR C 186 4.62 8.31 -30.85
C TYR C 186 3.99 8.74 -32.18
N GLU C 187 4.20 10.00 -32.56
CA GLU C 187 3.55 10.51 -33.77
C GLU C 187 4.15 9.94 -35.05
N LYS C 188 5.19 9.09 -34.97
CA LYS C 188 5.69 8.38 -36.14
C LYS C 188 5.25 6.93 -36.19
N HIS C 189 4.10 6.62 -35.59
CA HIS C 189 3.55 5.26 -35.63
C HIS C 189 2.03 5.35 -35.61
N LYS C 190 1.38 4.31 -36.12
CA LYS C 190 -0.06 4.31 -36.31
C LYS C 190 -0.78 3.34 -35.39
N VAL C 191 -0.45 2.05 -35.43
CA VAL C 191 -1.22 1.03 -34.72
C VAL C 191 -0.60 0.80 -33.35
N TYR C 192 -1.40 1.03 -32.30
CA TYR C 192 -0.98 0.80 -30.93
C TYR C 192 -1.91 -0.25 -30.33
N ALA C 193 -1.34 -1.36 -29.86
CA ALA C 193 -2.12 -2.50 -29.42
C ALA C 193 -1.61 -3.05 -28.10
N CYS C 194 -2.56 -3.50 -27.27
CA CYS C 194 -2.28 -4.13 -25.99
C CYS C 194 -2.88 -5.54 -26.03
N GLU C 195 -2.03 -6.55 -25.87
CA GLU C 195 -2.44 -7.95 -25.91
C GLU C 195 -2.37 -8.52 -24.51
N VAL C 196 -3.49 -9.06 -24.04
CA VAL C 196 -3.65 -9.56 -22.68
C VAL C 196 -3.85 -11.07 -22.73
N THR C 197 -3.04 -11.78 -21.97
CA THR C 197 -3.16 -13.23 -21.78
C THR C 197 -3.48 -13.50 -20.32
N HIS C 198 -4.53 -14.29 -20.08
CA HIS C 198 -5.02 -14.55 -18.74
C HIS C 198 -5.74 -15.88 -18.73
N GLN C 199 -5.77 -16.51 -17.55
CA GLN C 199 -6.27 -17.88 -17.43
C GLN C 199 -7.69 -18.00 -17.96
N GLY C 200 -8.56 -17.05 -17.63
CA GLY C 200 -9.96 -17.11 -18.03
C GLY C 200 -10.24 -16.59 -19.43
N LEU C 201 -9.21 -16.57 -20.27
CA LEU C 201 -9.36 -16.19 -21.68
C LEU C 201 -8.89 -17.37 -22.53
N SER C 202 -9.81 -17.90 -23.36
CA SER C 202 -9.45 -19.03 -24.22
C SER C 202 -8.30 -18.68 -25.14
N SER C 203 -8.17 -17.42 -25.53
CA SER C 203 -7.08 -16.95 -26.37
C SER C 203 -6.80 -15.50 -26.00
N PRO C 204 -5.61 -14.99 -26.31
CA PRO C 204 -5.28 -13.62 -25.91
C PRO C 204 -6.23 -12.61 -26.53
N VAL C 205 -6.50 -11.54 -25.79
CA VAL C 205 -7.42 -10.48 -26.22
C VAL C 205 -6.60 -9.24 -26.50
N THR C 206 -6.80 -8.66 -27.69
CA THR C 206 -6.05 -7.48 -28.10
C THR C 206 -6.99 -6.30 -28.25
N LYS C 207 -6.59 -5.16 -27.68
CA LYS C 207 -7.30 -3.90 -27.85
C LYS C 207 -6.32 -2.89 -28.45
N SER C 208 -6.72 -2.26 -29.54
CA SER C 208 -5.81 -1.41 -30.29
C SER C 208 -6.53 -0.18 -30.81
N PHE C 209 -5.72 0.79 -31.24
CA PHE C 209 -6.23 2.03 -31.83
C PHE C 209 -5.24 2.55 -32.86
N ASN C 210 -5.76 3.32 -33.80
CA ASN C 210 -4.95 4.02 -34.80
C ASN C 210 -4.83 5.49 -34.40
N ARG C 211 -3.60 5.98 -34.36
CA ARG C 211 -3.35 7.34 -33.89
C ARG C 211 -4.13 8.36 -34.71
N GLY C 212 -5.01 9.11 -34.06
CA GLY C 212 -5.77 10.17 -34.69
C GLY C 212 -7.24 9.89 -34.92
N GLU C 213 -7.72 8.71 -34.57
CA GLU C 213 -9.12 8.35 -34.78
C GLU C 213 -9.89 8.35 -33.46
#